data_5EQH
#
_entry.id   5EQH
#
_cell.length_a   121.510
_cell.length_b   102.360
_cell.length_c   68.723
_cell.angle_alpha   90.00
_cell.angle_beta   98.97
_cell.angle_gamma   90.00
#
_symmetry.space_group_name_H-M   'C 1 2 1'
#
loop_
_entity.id
_entity.type
_entity.pdbx_description
1 polymer 'Solute carrier family 2, facilitated glucose transporter member 1'
2 non-polymer (2~{S})-3-(2-bromophenyl)-2-[2-(4-methoxyphenyl)ethanoylamino]-~{N}-[(1~{S})-1-phenylethyl]propanamide
#
_entity_poly.entity_id   1
_entity_poly.type   'polypeptide(L)'
_entity_poly.pdbx_seq_one_letter_code
;MEPSSKKLTGRLMLAVGGAVLGSLQFGYNTGVINAPQKVIEEFYNQTWVHRYGESILPTTLTTLWSLSVAIFSVGGMIGS
FSVGLFVNRFGRRNSMLMMNLLAFVSAVLMGFSKLGKSFEMLILGRFIIGVYCGLTTGFVPMYVGEVSPTALRGALGTLH
QLGIVVGILIAQVFGLDSIMGNKDLWPLLLSIIFIPALLQCIVLPFCPESPRFLLINRNEENRAKSVLKKLRGTADVTHD
LQEMKEESRQMMREKKVTILELFRSPAYRQPILIAVVLQLSQQLSGINAVFYYSTSIFEKAGVQQPVYATIGSGIVNTAF
TVVSLFVVERAGRRTLHLIGLAGMAGCAILMTIALALLEQLPWMSYLSIVAIFGFVAFFEVGPGPIPWFIVAELFSQGPR
PAAIAVAGFSNWTSNFIVGMCFQYVEQLCGPYVFIIFTVLLVLFFIFTYFKVPETKGRTFDEIASGFRQGGASQSDKTPE
ELFHPLGADSQV
;
_entity_poly.pdbx_strand_id   A
#
# COMPACT_ATOMS: atom_id res chain seq x y z
N THR A 9 0.42 -15.47 24.39
CA THR A 9 0.87 -15.57 23.01
C THR A 9 -0.06 -16.47 22.20
N GLY A 10 -0.89 -17.25 22.90
CA GLY A 10 -1.88 -18.06 22.23
C GLY A 10 -3.04 -17.25 21.71
N ARG A 11 -3.72 -16.54 22.63
CA ARG A 11 -4.77 -15.61 22.23
C ARG A 11 -4.23 -14.42 21.47
N LEU A 12 -2.92 -14.18 21.55
CA LEU A 12 -2.30 -13.09 20.80
C LEU A 12 -2.43 -13.30 19.30
N MET A 13 -2.36 -14.55 18.84
CA MET A 13 -2.40 -14.82 17.41
C MET A 13 -3.75 -14.42 16.81
N LEU A 14 -4.83 -14.64 17.54
CA LEU A 14 -6.15 -14.29 17.04
C LEU A 14 -6.29 -12.77 16.89
N ALA A 15 -5.86 -12.02 17.90
CA ALA A 15 -5.98 -10.56 17.85
C ALA A 15 -5.20 -9.97 16.69
N VAL A 16 -4.06 -10.57 16.35
CA VAL A 16 -3.27 -10.09 15.22
C VAL A 16 -3.86 -10.60 13.91
N GLY A 17 -4.10 -11.91 13.81
CA GLY A 17 -4.57 -12.48 12.56
C GLY A 17 -5.85 -11.85 12.06
N GLY A 18 -6.73 -11.45 12.97
CA GLY A 18 -7.94 -10.75 12.56
C GLY A 18 -7.71 -9.32 12.13
N ALA A 19 -6.62 -8.71 12.57
CA ALA A 19 -6.27 -7.36 12.14
C ALA A 19 -5.54 -7.36 10.81
N VAL A 20 -4.73 -8.39 10.55
CA VAL A 20 -3.98 -8.47 9.30
C VAL A 20 -4.92 -8.60 8.10
N LEU A 21 -6.11 -9.16 8.31
CA LEU A 21 -7.06 -9.30 7.21
C LEU A 21 -7.28 -8.00 6.47
N GLY A 22 -7.25 -6.88 7.19
CA GLY A 22 -7.36 -5.58 6.52
C GLY A 22 -6.16 -5.28 5.66
N SER A 23 -4.95 -5.62 6.15
CA SER A 23 -3.74 -5.43 5.36
C SER A 23 -3.69 -6.38 4.17
N LEU A 24 -4.26 -7.59 4.32
CA LEU A 24 -4.43 -8.45 3.15
C LEU A 24 -5.39 -7.82 2.17
N GLN A 25 -6.48 -7.23 2.66
CA GLN A 25 -7.41 -6.54 1.79
C GLN A 25 -6.78 -5.30 1.20
N PHE A 26 -5.88 -4.63 1.93
CA PHE A 26 -5.15 -3.50 1.37
C PHE A 26 -4.33 -3.93 0.16
N GLY A 27 -3.59 -5.02 0.29
CA GLY A 27 -2.76 -5.49 -0.82
C GLY A 27 -3.59 -5.98 -1.99
N TYR A 28 -4.71 -6.65 -1.70
CA TYR A 28 -5.61 -7.10 -2.76
C TYR A 28 -6.01 -5.91 -3.61
N ASN A 29 -6.88 -5.05 -3.08
CA ASN A 29 -7.41 -3.93 -3.83
C ASN A 29 -6.35 -3.12 -4.55
N THR A 30 -5.09 -3.18 -4.10
CA THR A 30 -4.04 -2.44 -4.78
C THR A 30 -3.72 -3.05 -6.14
N GLY A 31 -3.76 -4.38 -6.25
CA GLY A 31 -3.33 -5.05 -7.46
C GLY A 31 -4.38 -5.87 -8.17
N VAL A 32 -5.67 -5.66 -7.84
CA VAL A 32 -6.72 -6.38 -8.57
C VAL A 32 -6.80 -5.89 -10.00
N ILE A 33 -6.56 -4.61 -10.22
CA ILE A 33 -6.85 -3.96 -11.50
C ILE A 33 -5.67 -4.10 -12.46
N ASN A 34 -4.86 -5.15 -12.26
CA ASN A 34 -3.68 -5.38 -13.10
C ASN A 34 -4.04 -6.30 -14.26
N ALA A 35 -4.37 -7.55 -13.96
CA ALA A 35 -4.65 -8.52 -15.01
C ALA A 35 -5.95 -8.22 -15.75
N PRO A 36 -7.06 -7.92 -15.08
CA PRO A 36 -8.35 -7.80 -15.80
C PRO A 36 -8.55 -6.45 -16.46
N GLN A 37 -7.47 -5.74 -16.75
CA GLN A 37 -7.60 -4.43 -17.38
C GLN A 37 -8.32 -4.53 -18.72
N LYS A 38 -7.89 -5.47 -19.58
CA LYS A 38 -8.42 -5.53 -20.93
C LYS A 38 -9.92 -5.82 -20.92
N VAL A 39 -10.39 -6.67 -20.01
CA VAL A 39 -11.79 -7.09 -20.03
C VAL A 39 -12.69 -5.97 -19.50
N ILE A 40 -12.22 -5.20 -18.51
CA ILE A 40 -13.06 -4.13 -17.97
C ILE A 40 -13.13 -2.97 -18.94
N GLU A 41 -12.04 -2.71 -19.68
CA GLU A 41 -12.10 -1.68 -20.71
C GLU A 41 -13.10 -2.04 -21.79
N GLU A 42 -13.21 -3.33 -22.12
CA GLU A 42 -14.22 -3.77 -23.09
C GLU A 42 -15.62 -3.51 -22.57
N PHE A 43 -15.82 -3.55 -21.26
CA PHE A 43 -17.12 -3.24 -20.68
C PHE A 43 -17.41 -1.74 -20.73
N TYR A 44 -16.37 -0.90 -20.60
CA TYR A 44 -16.57 0.53 -20.69
C TYR A 44 -17.05 0.94 -22.09
N ASN A 45 -16.39 0.42 -23.12
CA ASN A 45 -16.83 0.73 -24.48
C ASN A 45 -18.21 0.13 -24.76
N GLN A 46 -18.48 -1.06 -24.23
CA GLN A 46 -19.79 -1.68 -24.45
C GLN A 46 -20.89 -0.84 -23.81
N THR A 47 -20.60 -0.23 -22.65
CA THR A 47 -21.56 0.66 -22.02
C THR A 47 -21.67 1.97 -22.79
N TRP A 48 -20.54 2.48 -23.29
CA TRP A 48 -20.56 3.73 -24.04
C TRP A 48 -21.39 3.61 -25.30
N VAL A 49 -21.36 2.43 -25.94
CA VAL A 49 -22.16 2.20 -27.14
C VAL A 49 -23.64 2.16 -26.78
N HIS A 50 -23.99 1.42 -25.72
CA HIS A 50 -25.38 1.25 -25.36
C HIS A 50 -26.05 2.58 -25.03
N ARG A 51 -25.30 3.52 -24.45
CA ARG A 51 -25.88 4.78 -24.02
C ARG A 51 -26.05 5.74 -25.19
N TYR A 52 -24.98 5.97 -25.95
CA TYR A 52 -24.93 7.04 -26.93
C TYR A 52 -24.79 6.53 -28.36
N GLY A 53 -24.85 5.21 -28.58
CA GLY A 53 -24.68 4.68 -29.92
C GLY A 53 -23.38 5.14 -30.54
N GLU A 54 -22.27 4.74 -29.93
CA GLU A 54 -20.96 5.26 -30.31
C GLU A 54 -19.85 4.48 -29.60
N SER A 55 -18.82 4.09 -30.33
CA SER A 55 -17.66 3.48 -29.71
C SER A 55 -16.84 4.54 -29.00
N ILE A 56 -16.36 4.22 -27.80
CA ILE A 56 -15.66 5.20 -26.98
C ILE A 56 -14.33 5.57 -27.63
N LEU A 57 -13.95 6.83 -27.46
CA LEU A 57 -12.66 7.29 -27.98
C LEU A 57 -11.53 6.64 -27.18
N PRO A 58 -10.43 6.25 -27.84
CA PRO A 58 -9.34 5.60 -27.11
C PRO A 58 -8.70 6.52 -26.07
N THR A 59 -8.47 7.79 -26.42
CA THR A 59 -7.88 8.71 -25.44
C THR A 59 -8.80 8.92 -24.25
N THR A 60 -10.12 8.86 -24.48
CA THR A 60 -11.07 8.96 -23.38
C THR A 60 -11.09 7.66 -22.56
N LEU A 61 -11.10 6.51 -23.25
CA LEU A 61 -11.05 5.24 -22.56
C LEU A 61 -9.79 5.12 -21.71
N THR A 62 -8.71 5.79 -22.11
CA THR A 62 -7.48 5.75 -21.32
C THR A 62 -7.66 6.54 -20.03
N THR A 63 -7.98 7.83 -20.14
CA THR A 63 -8.14 8.65 -18.94
C THR A 63 -9.29 8.17 -18.08
N LEU A 64 -10.25 7.46 -18.66
CA LEU A 64 -11.37 6.95 -17.85
C LEU A 64 -10.92 5.77 -17.00
N TRP A 65 -10.23 4.80 -17.60
CA TRP A 65 -9.74 3.67 -16.84
C TRP A 65 -8.61 4.07 -15.91
N SER A 66 -7.78 5.04 -16.31
CA SER A 66 -6.77 5.56 -15.39
C SER A 66 -7.42 6.16 -14.15
N LEU A 67 -8.55 6.84 -14.33
CA LEU A 67 -9.28 7.40 -13.20
C LEU A 67 -9.86 6.29 -12.32
N SER A 68 -10.18 5.13 -12.92
CA SER A 68 -10.74 4.03 -12.15
C SER A 68 -9.73 3.39 -11.22
N VAL A 69 -8.44 3.55 -11.49
CA VAL A 69 -7.40 2.98 -10.63
C VAL A 69 -6.81 4.08 -9.76
N ALA A 70 -6.79 5.31 -10.28
CA ALA A 70 -6.12 6.40 -9.58
C ALA A 70 -6.98 6.98 -8.46
N ILE A 71 -8.31 6.97 -8.63
CA ILE A 71 -9.18 7.53 -7.60
C ILE A 71 -9.02 6.77 -6.30
N PHE A 72 -8.63 5.50 -6.37
CA PHE A 72 -8.37 4.71 -5.17
C PHE A 72 -7.30 5.37 -4.31
N SER A 73 -6.32 6.01 -4.94
CA SER A 73 -5.28 6.69 -4.17
C SER A 73 -5.82 7.93 -3.48
N VAL A 74 -6.78 8.62 -4.11
CA VAL A 74 -7.39 9.77 -3.47
C VAL A 74 -8.12 9.35 -2.21
N GLY A 75 -8.83 8.21 -2.27
CA GLY A 75 -9.48 7.70 -1.07
C GLY A 75 -8.48 7.40 0.04
N GLY A 76 -7.36 6.78 -0.30
CA GLY A 76 -6.35 6.48 0.70
C GLY A 76 -5.87 7.72 1.42
N MET A 77 -5.77 8.85 0.71
CA MET A 77 -5.35 10.10 1.33
C MET A 77 -6.33 10.51 2.43
N ILE A 78 -7.62 10.61 2.06
CA ILE A 78 -8.64 10.97 3.03
C ILE A 78 -8.63 9.98 4.20
N GLY A 79 -8.49 8.69 3.89
CA GLY A 79 -8.49 7.70 4.96
C GLY A 79 -7.34 7.91 5.93
N SER A 80 -6.12 8.06 5.41
CA SER A 80 -4.98 8.25 6.29
C SER A 80 -5.04 9.59 7.01
N PHE A 81 -5.84 10.54 6.51
CA PHE A 81 -6.09 11.76 7.26
C PHE A 81 -7.01 11.50 8.44
N SER A 82 -7.92 10.55 8.31
CA SER A 82 -8.97 10.33 9.29
C SER A 82 -8.65 9.21 10.28
N VAL A 83 -7.44 8.64 10.21
CA VAL A 83 -7.09 7.56 11.13
C VAL A 83 -7.22 8.03 12.58
N GLY A 84 -6.65 9.19 12.90
CA GLY A 84 -6.68 9.67 14.26
C GLY A 84 -8.08 10.00 14.75
N LEU A 85 -8.98 10.32 13.83
CA LEU A 85 -10.35 10.67 14.20
C LEU A 85 -11.04 9.48 14.85
N PHE A 86 -11.08 8.34 14.16
CA PHE A 86 -11.75 7.17 14.68
C PHE A 86 -10.93 6.45 15.75
N VAL A 87 -9.60 6.48 15.62
CA VAL A 87 -8.74 5.71 16.52
C VAL A 87 -8.97 6.13 17.96
N ASN A 88 -8.81 7.41 18.26
CA ASN A 88 -8.80 7.90 19.62
C ASN A 88 -10.19 8.12 20.19
N ARG A 89 -11.23 8.08 19.35
CA ARG A 89 -12.61 8.31 19.78
C ARG A 89 -13.40 7.02 19.93
N PHE A 90 -13.32 6.13 18.95
CA PHE A 90 -14.06 4.88 18.95
C PHE A 90 -13.23 3.67 19.35
N GLY A 91 -11.90 3.80 19.41
CA GLY A 91 -11.04 2.69 19.75
C GLY A 91 -10.34 2.13 18.52
N ARG A 92 -9.46 1.17 18.77
CA ARG A 92 -8.72 0.51 17.69
C ARG A 92 -9.52 -0.65 17.11
N ARG A 93 -10.02 -1.53 17.97
CA ARG A 93 -10.78 -2.69 17.52
C ARG A 93 -12.10 -2.25 16.89
N ASN A 94 -12.89 -1.44 17.61
CA ASN A 94 -14.20 -1.05 17.10
C ASN A 94 -14.10 -0.27 15.80
N SER A 95 -12.96 0.39 15.56
CA SER A 95 -12.79 1.14 14.31
C SER A 95 -12.67 0.20 13.13
N MET A 96 -11.79 -0.80 13.24
CA MET A 96 -11.61 -1.75 12.15
C MET A 96 -12.90 -2.52 11.88
N LEU A 97 -13.71 -2.73 12.92
CA LEU A 97 -14.93 -3.51 12.76
C LEU A 97 -16.00 -2.73 12.01
N MET A 98 -16.17 -1.44 12.34
CA MET A 98 -17.20 -0.65 11.67
C MET A 98 -16.78 -0.30 10.26
N MET A 99 -15.49 -0.06 10.03
CA MET A 99 -15.04 0.33 8.70
C MET A 99 -15.20 -0.79 7.69
N ASN A 100 -15.49 -2.02 8.13
CA ASN A 100 -15.89 -3.04 7.18
C ASN A 100 -17.14 -2.64 6.42
N LEU A 101 -17.88 -1.65 6.92
CA LEU A 101 -19.01 -1.11 6.18
C LEU A 101 -18.58 -0.66 4.79
N LEU A 102 -17.49 0.10 4.71
CA LEU A 102 -17.01 0.57 3.42
C LEU A 102 -16.70 -0.59 2.50
N ALA A 103 -16.08 -1.65 3.03
CA ALA A 103 -15.73 -2.80 2.20
C ALA A 103 -16.96 -3.40 1.54
N PHE A 104 -18.02 -3.61 2.32
CA PHE A 104 -19.25 -4.16 1.75
C PHE A 104 -19.86 -3.20 0.74
N VAL A 105 -19.98 -1.92 1.11
CA VAL A 105 -20.51 -0.92 0.20
C VAL A 105 -19.71 -0.92 -1.10
N SER A 106 -18.38 -1.01 -0.99
CA SER A 106 -17.55 -1.01 -2.19
C SER A 106 -17.72 -2.29 -2.98
N ALA A 107 -17.81 -3.44 -2.28
CA ALA A 107 -17.99 -4.71 -2.98
C ALA A 107 -19.30 -4.72 -3.76
N VAL A 108 -20.37 -4.19 -3.17
CA VAL A 108 -21.65 -4.10 -3.87
C VAL A 108 -21.53 -3.17 -5.07
N LEU A 109 -20.95 -1.99 -4.86
CA LEU A 109 -20.85 -1.02 -5.95
C LEU A 109 -20.00 -1.53 -7.09
N MET A 110 -18.95 -2.31 -6.79
CA MET A 110 -18.11 -2.85 -7.85
C MET A 110 -18.63 -4.16 -8.40
N GLY A 111 -19.29 -4.97 -7.58
CA GLY A 111 -19.81 -6.24 -8.07
C GLY A 111 -21.02 -6.05 -8.98
N PHE A 112 -21.92 -5.14 -8.61
CA PHE A 112 -23.10 -4.86 -9.41
C PHE A 112 -22.89 -3.68 -10.36
N SER A 113 -21.63 -3.34 -10.66
CA SER A 113 -21.35 -2.28 -11.61
C SER A 113 -21.68 -2.71 -13.03
N LYS A 114 -21.31 -3.94 -13.39
CA LYS A 114 -21.62 -4.46 -14.71
C LYS A 114 -23.13 -4.59 -14.91
N LEU A 115 -23.82 -5.15 -13.93
CA LEU A 115 -25.25 -5.38 -14.05
C LEU A 115 -26.02 -4.07 -14.22
N GLY A 116 -25.50 -2.98 -13.67
CA GLY A 116 -26.11 -1.68 -13.82
C GLY A 116 -25.60 -0.88 -14.99
N LYS A 117 -24.64 -1.41 -15.75
CA LYS A 117 -24.06 -0.70 -16.89
C LYS A 117 -23.57 0.68 -16.48
N SER A 118 -22.88 0.73 -15.34
CA SER A 118 -22.39 1.98 -14.78
C SER A 118 -20.93 1.84 -14.41
N PHE A 119 -20.06 2.54 -15.15
CA PHE A 119 -18.68 2.72 -14.73
C PHE A 119 -18.58 3.68 -13.55
N GLU A 120 -19.59 4.51 -13.34
CA GLU A 120 -19.59 5.41 -12.19
C GLU A 120 -19.59 4.62 -10.88
N MET A 121 -20.39 3.55 -10.81
CA MET A 121 -20.40 2.71 -9.62
C MET A 121 -19.01 2.14 -9.35
N LEU A 122 -18.36 1.60 -10.37
CA LEU A 122 -17.05 1.02 -10.20
C LEU A 122 -16.05 2.06 -9.70
N ILE A 123 -16.05 3.23 -10.33
CA ILE A 123 -15.19 4.32 -9.86
C ILE A 123 -15.54 4.68 -8.42
N LEU A 124 -16.82 4.84 -8.14
CA LEU A 124 -17.25 5.21 -6.80
C LEU A 124 -16.88 4.13 -5.79
N GLY A 125 -17.00 2.86 -6.19
CA GLY A 125 -16.57 1.78 -5.31
C GLY A 125 -15.07 1.78 -5.11
N ARG A 126 -14.31 1.94 -6.20
CA ARG A 126 -12.85 2.02 -6.09
C ARG A 126 -12.43 3.13 -5.14
N PHE A 127 -13.23 4.19 -5.03
CA PHE A 127 -12.91 5.29 -4.13
C PHE A 127 -13.18 4.90 -2.69
N ILE A 128 -14.37 4.41 -2.40
CA ILE A 128 -14.76 4.08 -1.03
C ILE A 128 -13.77 3.08 -0.44
N ILE A 129 -13.43 2.03 -1.19
CA ILE A 129 -12.46 1.06 -0.71
C ILE A 129 -11.10 1.73 -0.51
N GLY A 130 -10.82 2.77 -1.29
CA GLY A 130 -9.60 3.52 -1.07
C GLY A 130 -9.58 4.21 0.29
N VAL A 131 -10.72 4.76 0.70
CA VAL A 131 -10.82 5.33 2.04
C VAL A 131 -10.53 4.26 3.08
N TYR A 132 -11.15 3.09 2.92
CA TYR A 132 -10.91 1.99 3.85
C TYR A 132 -9.44 1.61 3.89
N CYS A 133 -8.77 1.65 2.74
CA CYS A 133 -7.36 1.27 2.69
C CYS A 133 -6.48 2.35 3.30
N GLY A 134 -6.85 3.62 3.16
CA GLY A 134 -6.09 4.68 3.81
C GLY A 134 -6.23 4.63 5.32
N LEU A 135 -7.41 4.25 5.81
CA LEU A 135 -7.59 4.08 7.25
C LEU A 135 -6.87 2.83 7.75
N THR A 136 -6.90 1.75 6.96
CA THR A 136 -6.38 0.47 7.43
C THR A 136 -4.89 0.54 7.70
N THR A 137 -4.14 1.28 6.90
CA THR A 137 -2.71 1.42 7.12
C THR A 137 -2.39 2.30 8.30
N GLY A 138 -3.40 2.75 9.05
CA GLY A 138 -3.18 3.44 10.30
C GLY A 138 -3.70 2.62 11.46
N PHE A 139 -4.76 1.85 11.21
CA PHE A 139 -5.33 1.01 12.26
C PHE A 139 -4.44 -0.18 12.55
N VAL A 140 -4.07 -0.94 11.52
CA VAL A 140 -3.40 -2.23 11.71
C VAL A 140 -2.01 -2.02 12.32
N PRO A 141 -1.16 -1.15 11.77
CA PRO A 141 0.17 -0.98 12.38
C PRO A 141 0.08 -0.51 13.81
N MET A 142 -0.96 0.25 14.13
CA MET A 142 -1.16 0.79 15.47
C MET A 142 -1.70 -0.26 16.43
N TYR A 143 -2.64 -1.08 15.95
CA TYR A 143 -3.28 -2.05 16.83
C TYR A 143 -2.33 -3.16 17.23
N VAL A 144 -1.57 -3.71 16.27
CA VAL A 144 -0.64 -4.79 16.58
C VAL A 144 0.45 -4.31 17.53
N GLY A 145 0.86 -3.05 17.40
CA GLY A 145 1.88 -2.52 18.29
C GLY A 145 1.38 -2.39 19.72
N GLU A 146 0.12 -2.01 19.89
CA GLU A 146 -0.51 -1.88 21.21
C GLU A 146 -1.14 -3.18 21.67
N VAL A 147 -0.52 -4.32 21.39
CA VAL A 147 -1.10 -5.63 21.70
C VAL A 147 0.03 -6.60 22.03
N SER A 148 1.08 -6.59 21.22
CA SER A 148 2.14 -7.58 21.34
C SER A 148 3.13 -7.20 22.45
N PRO A 149 3.78 -8.19 23.05
CA PRO A 149 4.84 -7.88 24.02
C PRO A 149 6.01 -7.18 23.32
N THR A 150 6.73 -6.37 24.10
CA THR A 150 7.82 -5.58 23.54
C THR A 150 8.80 -6.43 22.74
N ALA A 151 9.05 -7.66 23.21
CA ALA A 151 9.99 -8.54 22.51
C ALA A 151 9.45 -8.95 21.15
N LEU A 152 8.24 -9.51 21.12
CA LEU A 152 7.60 -9.94 19.88
C LEU A 152 7.00 -8.79 19.09
N ARG A 153 7.19 -7.54 19.53
CA ARG A 153 6.54 -6.41 18.88
C ARG A 153 7.21 -6.09 17.55
N GLY A 154 8.53 -6.23 17.48
CA GLY A 154 9.23 -5.95 16.24
C GLY A 154 8.90 -6.96 15.15
N ALA A 155 8.75 -8.24 15.54
CA ALA A 155 8.49 -9.28 14.56
C ALA A 155 7.05 -9.21 14.07
N LEU A 156 6.09 -9.17 14.99
CA LEU A 156 4.68 -9.16 14.60
C LEU A 156 4.29 -7.89 13.86
N GLY A 157 5.08 -6.83 13.96
CA GLY A 157 4.79 -5.62 13.20
C GLY A 157 5.03 -5.75 11.72
N THR A 158 5.69 -6.83 11.29
CA THR A 158 5.97 -7.05 9.88
C THR A 158 4.75 -7.52 9.11
N LEU A 159 3.83 -8.22 9.78
CA LEU A 159 2.71 -8.84 9.10
C LEU A 159 1.90 -7.86 8.26
N HIS A 160 1.97 -6.57 8.57
CA HIS A 160 1.26 -5.59 7.75
C HIS A 160 1.85 -5.54 6.34
N GLN A 161 3.17 -5.38 6.23
CA GLN A 161 3.79 -5.36 4.91
C GLN A 161 3.52 -6.65 4.16
N LEU A 162 3.71 -7.80 4.81
CA LEU A 162 3.42 -9.06 4.16
C LEU A 162 1.97 -9.12 3.68
N GLY A 163 1.05 -8.55 4.46
CA GLY A 163 -0.33 -8.50 4.03
C GLY A 163 -0.51 -7.75 2.73
N ILE A 164 0.28 -6.68 2.54
CA ILE A 164 0.18 -5.90 1.31
C ILE A 164 0.67 -6.72 0.12
N VAL A 165 1.84 -7.33 0.25
CA VAL A 165 2.43 -8.02 -0.91
C VAL A 165 1.64 -9.29 -1.23
N VAL A 166 1.34 -10.10 -0.20
CA VAL A 166 0.55 -11.30 -0.42
C VAL A 166 -0.82 -10.95 -0.97
N GLY A 167 -1.39 -9.84 -0.52
CA GLY A 167 -2.68 -9.42 -1.04
C GLY A 167 -2.61 -9.08 -2.51
N ILE A 168 -1.56 -8.37 -2.91
CA ILE A 168 -1.33 -8.11 -4.33
C ILE A 168 -1.26 -9.42 -5.10
N LEU A 169 -0.53 -10.40 -4.56
CA LEU A 169 -0.29 -11.64 -5.28
C LEU A 169 -1.59 -12.42 -5.47
N ILE A 170 -2.38 -12.54 -4.40
CA ILE A 170 -3.65 -13.25 -4.50
C ILE A 170 -4.54 -12.58 -5.54
N ALA A 171 -4.50 -11.25 -5.61
CA ALA A 171 -5.31 -10.53 -6.59
C ALA A 171 -4.85 -10.86 -8.00
N GLN A 172 -3.53 -11.01 -8.20
CA GLN A 172 -2.99 -11.31 -9.51
C GLN A 172 -3.23 -12.76 -9.91
N VAL A 173 -3.18 -13.67 -8.93
CA VAL A 173 -3.51 -15.07 -9.18
C VAL A 173 -4.96 -15.18 -9.64
N PHE A 174 -5.89 -14.68 -8.82
CA PHE A 174 -7.30 -14.69 -9.18
C PHE A 174 -7.59 -13.91 -10.45
N GLY A 175 -6.64 -13.10 -10.93
CA GLY A 175 -6.80 -12.36 -12.14
C GLY A 175 -6.51 -13.14 -13.40
N LEU A 176 -6.27 -14.45 -13.28
CA LEU A 176 -6.00 -15.27 -14.44
C LEU A 176 -7.27 -15.47 -15.26
N ASP A 177 -7.08 -15.90 -16.50
CA ASP A 177 -8.22 -16.28 -17.32
C ASP A 177 -8.89 -17.54 -16.77
N SER A 178 -8.10 -18.46 -16.21
CA SER A 178 -8.63 -19.71 -15.70
C SER A 178 -9.62 -19.48 -14.56
N ILE A 179 -9.43 -18.40 -13.79
CA ILE A 179 -10.18 -18.20 -12.56
C ILE A 179 -11.24 -17.10 -12.76
N MET A 180 -10.90 -15.87 -12.40
CA MET A 180 -11.87 -14.77 -12.41
C MET A 180 -11.49 -13.61 -13.31
N GLY A 181 -10.29 -13.58 -13.87
CA GLY A 181 -9.87 -12.48 -14.71
C GLY A 181 -10.39 -12.56 -16.13
N ASN A 182 -11.71 -12.54 -16.30
CA ASN A 182 -12.31 -12.70 -17.61
C ASN A 182 -13.58 -11.86 -17.68
N LYS A 183 -14.30 -12.00 -18.80
CA LYS A 183 -15.48 -11.18 -19.07
C LYS A 183 -16.66 -11.54 -18.20
N ASP A 184 -16.70 -12.76 -17.65
CA ASP A 184 -17.82 -13.22 -16.87
C ASP A 184 -17.68 -12.92 -15.39
N LEU A 185 -16.46 -13.02 -14.85
CA LEU A 185 -16.25 -13.04 -13.41
C LEU A 185 -15.38 -11.89 -12.91
N TRP A 186 -15.17 -10.85 -13.72
CA TRP A 186 -14.38 -9.73 -13.20
C TRP A 186 -15.18 -8.94 -12.18
N PRO A 187 -16.52 -8.86 -12.28
CA PRO A 187 -17.27 -8.20 -11.18
C PRO A 187 -17.14 -8.94 -9.86
N LEU A 188 -16.98 -10.26 -9.92
CA LEU A 188 -16.77 -11.04 -8.71
C LEU A 188 -15.32 -10.93 -8.24
N LEU A 189 -14.39 -10.71 -9.16
CA LEU A 189 -12.99 -10.53 -8.80
C LEU A 189 -12.81 -9.29 -7.93
N LEU A 190 -13.54 -8.22 -8.22
CA LEU A 190 -13.47 -7.02 -7.40
C LEU A 190 -14.23 -7.18 -6.08
N SER A 191 -15.32 -7.94 -6.10
CA SER A 191 -16.22 -8.01 -4.95
C SER A 191 -15.81 -9.05 -3.90
N ILE A 192 -14.96 -10.00 -4.26
CA ILE A 192 -14.59 -11.07 -3.35
C ILE A 192 -14.03 -10.54 -2.03
N ILE A 193 -13.72 -9.24 -1.96
CA ILE A 193 -13.26 -8.63 -0.72
C ILE A 193 -14.26 -8.81 0.41
N PHE A 194 -15.52 -9.12 0.09
CA PHE A 194 -16.53 -9.28 1.14
C PHE A 194 -16.20 -10.48 2.03
N ILE A 195 -15.53 -11.49 1.49
CA ILE A 195 -15.17 -12.68 2.26
C ILE A 195 -14.22 -12.29 3.38
N PRO A 196 -13.05 -11.71 3.11
CA PRO A 196 -12.21 -11.23 4.22
C PRO A 196 -12.96 -10.28 5.14
N ALA A 197 -13.83 -9.44 4.59
CA ALA A 197 -14.59 -8.51 5.42
C ALA A 197 -15.54 -9.27 6.34
N LEU A 198 -16.27 -10.24 5.79
CA LEU A 198 -17.16 -11.04 6.61
C LEU A 198 -16.39 -11.87 7.62
N LEU A 199 -15.19 -12.33 7.26
CA LEU A 199 -14.36 -13.05 8.20
C LEU A 199 -13.93 -12.15 9.34
N GLN A 200 -13.38 -10.97 9.01
CA GLN A 200 -12.97 -10.02 10.04
C GLN A 200 -14.16 -9.54 10.87
N CYS A 201 -15.36 -9.52 10.28
CA CYS A 201 -16.54 -9.14 11.05
C CYS A 201 -16.90 -10.19 12.09
N ILE A 202 -16.56 -11.45 11.83
CA ILE A 202 -16.81 -12.50 12.81
C ILE A 202 -15.71 -12.51 13.85
N VAL A 203 -14.45 -12.36 13.43
CA VAL A 203 -13.32 -12.53 14.34
C VAL A 203 -13.26 -11.39 15.34
N LEU A 204 -13.19 -10.15 14.85
CA LEU A 204 -12.87 -9.01 15.70
C LEU A 204 -13.72 -8.91 16.96
N PRO A 205 -15.05 -9.09 16.92
CA PRO A 205 -15.85 -8.96 18.15
C PRO A 205 -15.33 -9.84 19.29
N PHE A 206 -14.59 -10.89 18.96
CA PHE A 206 -13.99 -11.75 19.96
C PHE A 206 -12.55 -11.37 20.30
N CYS A 207 -11.97 -10.41 19.59
CA CYS A 207 -10.63 -9.95 19.87
C CYS A 207 -10.64 -8.90 20.98
N PRO A 208 -9.51 -8.70 21.64
CA PRO A 208 -9.45 -7.73 22.74
C PRO A 208 -9.19 -6.31 22.27
N GLU A 209 -9.77 -5.35 22.98
CA GLU A 209 -9.53 -3.95 22.71
C GLU A 209 -8.11 -3.59 23.12
N SER A 210 -7.57 -2.56 22.49
CA SER A 210 -6.20 -2.15 22.75
C SER A 210 -6.05 -1.69 24.19
N PRO A 211 -5.20 -2.33 25.00
CA PRO A 211 -5.04 -1.87 26.39
C PRO A 211 -4.64 -0.41 26.49
N ARG A 212 -3.78 0.07 25.58
CA ARG A 212 -3.38 1.47 25.61
C ARG A 212 -4.55 2.41 25.41
N PHE A 213 -5.61 1.93 24.73
CA PHE A 213 -6.83 2.71 24.60
C PHE A 213 -7.65 2.67 25.89
N LEU A 214 -7.57 1.56 26.62
CA LEU A 214 -8.26 1.46 27.90
C LEU A 214 -7.53 2.25 28.99
N LEU A 215 -6.20 2.23 28.95
CA LEU A 215 -5.41 2.84 30.02
C LEU A 215 -5.30 4.34 29.84
N ILE A 216 -4.86 4.80 28.67
CA ILE A 216 -4.69 6.22 28.40
C ILE A 216 -6.01 6.83 27.96
N ASN A 217 -6.46 6.47 26.75
CA ASN A 217 -7.57 7.15 26.11
C ASN A 217 -8.87 7.02 26.88
N ARG A 218 -8.94 6.14 27.88
CA ARG A 218 -10.17 5.94 28.64
C ARG A 218 -9.95 5.81 30.14
N ASN A 219 -8.69 5.83 30.60
CA ASN A 219 -8.37 5.87 32.03
C ASN A 219 -9.02 4.69 32.77
N GLU A 220 -8.74 3.48 32.30
CA GLU A 220 -9.26 2.25 32.90
C GLU A 220 -8.07 1.41 33.34
N GLU A 221 -7.46 1.82 34.46
CA GLU A 221 -6.26 1.14 34.94
C GLU A 221 -6.51 -0.35 35.17
N ASN A 222 -7.65 -0.70 35.74
CA ASN A 222 -7.92 -2.08 36.14
C ASN A 222 -8.51 -2.91 35.01
N ARG A 223 -9.32 -2.31 34.14
CA ARG A 223 -9.83 -3.03 32.98
C ARG A 223 -8.73 -3.37 31.99
N ALA A 224 -7.63 -2.61 32.00
CA ALA A 224 -6.54 -2.87 31.06
C ALA A 224 -5.88 -4.22 31.35
N LYS A 225 -5.52 -4.47 32.61
CA LYS A 225 -4.86 -5.72 32.96
C LYS A 225 -5.78 -6.92 32.77
N SER A 226 -7.09 -6.71 32.73
CA SER A 226 -8.00 -7.81 32.40
C SER A 226 -7.79 -8.29 30.97
N VAL A 227 -7.22 -7.46 30.11
CA VAL A 227 -6.92 -7.84 28.73
C VAL A 227 -5.57 -8.53 28.64
N LEU A 228 -4.53 -7.90 29.20
CA LEU A 228 -3.18 -8.42 29.06
C LEU A 228 -3.04 -9.79 29.71
N LYS A 229 -3.83 -10.08 30.75
CA LYS A 229 -3.75 -11.38 31.40
C LYS A 229 -4.23 -12.50 30.49
N LYS A 230 -5.19 -12.20 29.61
CA LYS A 230 -5.62 -13.15 28.59
C LYS A 230 -4.81 -13.01 27.32
N LEU A 231 -4.35 -11.80 27.01
CA LEU A 231 -3.61 -11.54 25.78
C LEU A 231 -2.16 -11.99 25.93
N ARG A 232 -1.42 -11.39 26.86
CA ARG A 232 -0.05 -11.79 27.10
C ARG A 232 0.05 -13.25 27.52
N GLY A 233 -1.02 -13.80 28.10
CA GLY A 233 -1.03 -15.16 28.60
C GLY A 233 -0.56 -15.24 30.03
N THR A 234 0.41 -14.40 30.40
CA THR A 234 0.90 -14.36 31.76
C THR A 234 -0.23 -13.99 32.72
N ALA A 235 -0.14 -14.51 33.93
CA ALA A 235 -1.13 -14.19 34.95
C ALA A 235 -1.08 -12.70 35.32
N ASP A 236 0.11 -12.22 35.68
CA ASP A 236 0.30 -10.83 36.08
C ASP A 236 0.99 -10.05 34.97
N VAL A 237 0.85 -8.73 35.03
CA VAL A 237 1.46 -7.83 34.05
C VAL A 237 1.82 -6.52 34.74
N THR A 238 2.31 -6.61 35.98
CA THR A 238 2.64 -5.42 36.74
C THR A 238 3.73 -4.60 36.07
N HIS A 239 4.63 -5.27 35.33
CA HIS A 239 5.73 -4.57 34.67
C HIS A 239 5.30 -4.00 33.33
N ASP A 240 4.46 -4.74 32.59
CA ASP A 240 3.97 -4.24 31.30
C ASP A 240 2.96 -3.12 31.51
N LEU A 241 2.11 -3.23 32.53
CA LEU A 241 1.15 -2.16 32.81
C LEU A 241 1.88 -0.86 33.10
N GLN A 242 3.03 -0.92 33.75
CA GLN A 242 3.81 0.28 34.03
C GLN A 242 4.65 0.71 32.85
N GLU A 243 5.01 -0.23 31.97
CA GLU A 243 5.69 0.14 30.73
C GLU A 243 4.81 1.07 29.89
N MET A 244 3.50 0.82 29.89
CA MET A 244 2.58 1.69 29.17
C MET A 244 2.48 3.05 29.84
N LYS A 245 2.42 3.07 31.17
CA LYS A 245 2.39 4.34 31.91
C LYS A 245 3.75 5.03 31.90
N GLU A 246 4.79 4.40 31.37
CA GLU A 246 6.10 5.01 31.23
C GLU A 246 6.25 5.73 29.90
N GLU A 247 5.70 5.15 28.82
CA GLU A 247 5.70 5.81 27.53
C GLU A 247 4.53 6.77 27.34
N SER A 248 3.43 6.55 28.08
CA SER A 248 2.39 7.57 28.17
C SER A 248 2.98 8.87 28.70
N ARG A 249 3.92 8.75 29.64
CA ARG A 249 4.65 9.90 30.14
C ARG A 249 5.58 10.46 29.06
N GLN A 250 6.22 9.58 28.29
CA GLN A 250 7.18 10.00 27.28
C GLN A 250 6.52 10.43 25.99
N MET A 251 5.28 10.03 25.75
CA MET A 251 4.55 10.45 24.56
C MET A 251 3.86 11.79 24.78
N MET A 252 3.47 12.09 26.01
CA MET A 252 2.72 13.30 26.33
C MET A 252 3.56 14.32 27.10
N ARG A 253 4.86 14.07 27.27
CA ARG A 253 5.72 15.04 27.93
C ARG A 253 5.91 16.28 27.07
N GLU A 254 6.27 16.10 25.80
CA GLU A 254 6.46 17.21 24.88
C GLU A 254 5.23 17.38 24.01
N LYS A 255 4.85 18.63 23.77
CA LYS A 255 3.61 18.93 23.07
C LYS A 255 3.63 18.32 21.67
N LYS A 256 2.60 17.55 21.35
CA LYS A 256 2.45 16.99 20.01
C LYS A 256 2.17 18.13 19.03
N VAL A 257 3.13 18.44 18.16
CA VAL A 257 2.98 19.54 17.24
C VAL A 257 2.09 19.12 16.09
N THR A 258 1.47 20.11 15.43
CA THR A 258 0.53 19.87 14.35
C THR A 258 1.21 20.00 12.99
N ILE A 259 0.47 19.63 11.95
CA ILE A 259 0.99 19.74 10.59
C ILE A 259 1.36 21.19 10.30
N LEU A 260 0.55 22.13 10.78
CA LEU A 260 0.80 23.53 10.49
C LEU A 260 2.07 24.02 11.17
N GLU A 261 2.26 23.67 12.44
CA GLU A 261 3.47 24.02 13.16
C GLU A 261 4.71 23.33 12.61
N LEU A 262 4.53 22.34 11.74
CA LEU A 262 5.65 21.60 11.20
C LEU A 262 6.29 22.34 10.02
N PHE A 263 5.46 22.92 9.14
CA PHE A 263 5.98 23.68 8.02
C PHE A 263 6.56 25.01 8.48
N ARG A 264 5.99 25.60 9.53
CA ARG A 264 6.28 26.99 9.87
C ARG A 264 7.69 27.15 10.43
N SER A 265 8.00 26.43 11.51
CA SER A 265 9.27 26.64 12.19
C SER A 265 10.42 26.09 11.36
N PRO A 266 11.51 26.84 11.19
CA PRO A 266 12.65 26.34 10.39
C PRO A 266 13.51 25.30 11.10
N ALA A 267 13.05 24.77 12.24
CA ALA A 267 13.73 23.68 12.89
C ALA A 267 13.33 22.33 12.31
N TYR A 268 12.20 22.28 11.61
CA TYR A 268 11.67 21.04 11.04
C TYR A 268 11.65 21.05 9.52
N ARG A 269 11.98 22.18 8.87
CA ARG A 269 11.84 22.26 7.42
C ARG A 269 12.88 21.43 6.68
N GLN A 270 13.95 20.99 7.34
CA GLN A 270 14.95 20.19 6.66
C GLN A 270 14.66 18.70 6.84
N PRO A 271 14.30 18.25 8.05
CA PRO A 271 13.85 16.86 8.19
C PRO A 271 12.61 16.54 7.37
N ILE A 272 11.65 17.47 7.30
CA ILE A 272 10.44 17.21 6.54
C ILE A 272 10.75 17.11 5.05
N LEU A 273 11.64 17.98 4.55
CA LEU A 273 12.03 17.90 3.15
C LEU A 273 12.55 16.51 2.82
N ILE A 274 13.34 15.93 3.72
CA ILE A 274 13.82 14.56 3.54
C ILE A 274 12.64 13.60 3.55
N ALA A 275 11.72 13.77 4.50
CA ALA A 275 10.59 12.85 4.61
C ALA A 275 9.75 12.86 3.34
N VAL A 276 9.34 14.05 2.89
CA VAL A 276 8.48 14.14 1.71
C VAL A 276 9.18 13.56 0.49
N VAL A 277 10.44 13.95 0.27
CA VAL A 277 11.15 13.49 -0.93
C VAL A 277 11.23 11.98 -0.95
N LEU A 278 11.62 11.37 0.18
CA LEU A 278 11.72 9.92 0.24
C LEU A 278 10.37 9.25 -0.03
N GLN A 279 9.28 9.94 0.27
CA GLN A 279 7.96 9.42 -0.10
C GLN A 279 7.74 9.52 -1.61
N LEU A 280 8.17 10.64 -2.21
CA LEU A 280 8.09 10.77 -3.66
C LEU A 280 9.00 9.75 -4.34
N SER A 281 10.11 9.38 -3.70
CA SER A 281 11.01 8.39 -4.28
C SER A 281 10.45 6.99 -4.23
N GLN A 282 9.50 6.72 -3.34
CA GLN A 282 8.85 5.41 -3.30
C GLN A 282 7.85 5.27 -4.44
N GLN A 283 7.13 6.35 -4.77
CA GLN A 283 6.09 6.31 -5.78
C GLN A 283 6.60 6.72 -7.16
N LEU A 284 7.21 7.89 -7.26
CA LEU A 284 7.68 8.35 -8.56
C LEU A 284 8.85 7.53 -9.10
N SER A 285 9.29 6.52 -8.36
CA SER A 285 10.15 5.50 -8.96
C SER A 285 9.38 4.70 -10.00
N GLY A 286 8.12 4.37 -9.71
CA GLY A 286 7.25 3.73 -10.67
C GLY A 286 7.04 2.24 -10.44
N ILE A 287 6.84 1.84 -9.19
CA ILE A 287 6.48 0.45 -8.94
C ILE A 287 4.99 0.24 -9.17
N ASN A 288 4.18 1.23 -8.84
CA ASN A 288 2.76 1.14 -9.15
C ASN A 288 2.51 1.30 -10.65
N ALA A 289 3.54 1.63 -11.43
CA ALA A 289 3.47 1.40 -12.87
C ALA A 289 3.49 -0.09 -13.17
N VAL A 290 4.18 -0.87 -12.33
CA VAL A 290 4.14 -2.33 -12.45
C VAL A 290 2.88 -2.88 -11.78
N PHE A 291 2.74 -2.64 -10.48
CA PHE A 291 1.67 -3.26 -9.70
C PHE A 291 0.28 -2.79 -10.14
N TYR A 292 0.18 -1.83 -11.03
CA TYR A 292 -1.10 -1.49 -11.68
C TYR A 292 -1.17 -1.95 -13.12
N TYR A 293 -0.06 -1.84 -13.86
CA TYR A 293 -0.05 -2.07 -15.30
C TYR A 293 0.97 -3.13 -15.71
N SER A 294 1.30 -4.05 -14.82
CA SER A 294 2.25 -5.10 -15.17
C SER A 294 1.79 -5.88 -16.39
N THR A 295 0.54 -6.35 -16.36
CA THR A 295 0.02 -7.14 -17.47
C THR A 295 -0.09 -6.33 -18.75
N SER A 296 -0.23 -5.01 -18.63
CA SER A 296 -0.29 -4.17 -19.82
C SER A 296 1.09 -3.89 -20.39
N ILE A 297 2.08 -3.65 -19.53
CA ILE A 297 3.44 -3.44 -19.99
C ILE A 297 3.99 -4.71 -20.63
N PHE A 298 3.76 -5.86 -20.00
CA PHE A 298 4.26 -7.12 -20.55
C PHE A 298 3.63 -7.42 -21.90
N GLU A 299 2.33 -7.14 -22.05
CA GLU A 299 1.69 -7.33 -23.34
C GLU A 299 2.24 -6.38 -24.38
N LYS A 300 2.55 -5.14 -23.98
CA LYS A 300 3.17 -4.20 -24.90
C LYS A 300 4.55 -4.69 -25.36
N ALA A 301 5.19 -5.54 -24.58
CA ALA A 301 6.38 -6.25 -25.02
C ALA A 301 5.95 -7.42 -25.90
N GLY A 302 6.70 -8.52 -25.86
CA GLY A 302 6.34 -9.70 -26.63
C GLY A 302 6.03 -10.86 -25.71
N VAL A 303 5.57 -10.55 -24.51
CA VAL A 303 5.37 -11.57 -23.48
C VAL A 303 4.20 -12.45 -23.88
N GLN A 304 4.38 -13.76 -23.76
CA GLN A 304 3.30 -14.74 -23.84
C GLN A 304 2.86 -15.05 -22.42
N GLN A 305 1.55 -15.24 -22.24
CA GLN A 305 0.97 -15.43 -20.91
C GLN A 305 1.40 -14.26 -20.02
N PRO A 306 0.99 -13.03 -20.35
CA PRO A 306 1.51 -11.86 -19.61
C PRO A 306 1.02 -11.80 -18.17
N VAL A 307 -0.18 -12.30 -17.90
CA VAL A 307 -0.70 -12.33 -16.54
C VAL A 307 0.21 -13.14 -15.63
N TYR A 308 0.82 -14.20 -16.15
CA TYR A 308 1.74 -15.00 -15.34
C TYR A 308 3.01 -14.22 -15.02
N ALA A 309 3.48 -13.40 -15.96
CA ALA A 309 4.65 -12.57 -15.66
C ALA A 309 4.33 -11.56 -14.56
N THR A 310 3.09 -11.09 -14.51
CA THR A 310 2.69 -10.22 -13.40
C THR A 310 2.69 -11.00 -12.10
N ILE A 311 2.12 -12.22 -12.10
CA ILE A 311 2.21 -13.08 -10.93
C ILE A 311 3.67 -13.31 -10.56
N GLY A 312 4.55 -13.37 -11.55
CA GLY A 312 5.97 -13.45 -11.27
C GLY A 312 6.46 -12.24 -10.51
N SER A 313 6.16 -11.04 -11.00
CA SER A 313 6.51 -9.83 -10.27
C SER A 313 5.89 -9.84 -8.88
N GLY A 314 4.69 -10.39 -8.75
CA GLY A 314 4.08 -10.52 -7.43
C GLY A 314 4.84 -11.48 -6.54
N ILE A 315 5.24 -12.63 -7.08
CA ILE A 315 6.00 -13.60 -6.31
C ILE A 315 7.37 -13.04 -5.96
N VAL A 316 8.05 -12.45 -6.94
CA VAL A 316 9.35 -11.85 -6.67
C VAL A 316 9.24 -10.78 -5.59
N ASN A 317 8.17 -9.99 -5.64
CA ASN A 317 7.98 -8.95 -4.64
C ASN A 317 7.78 -9.55 -3.25
N THR A 318 7.02 -10.64 -3.16
CA THR A 318 6.85 -11.33 -1.89
C THR A 318 8.17 -11.89 -1.38
N ALA A 319 8.98 -12.42 -2.30
CA ALA A 319 10.24 -13.04 -1.90
C ALA A 319 11.17 -12.03 -1.25
N PHE A 320 11.50 -10.96 -1.99
CA PHE A 320 12.44 -9.97 -1.50
C PHE A 320 11.90 -9.17 -0.32
N THR A 321 10.59 -9.23 -0.05
CA THR A 321 10.06 -8.65 1.18
C THR A 321 10.60 -9.39 2.39
N VAL A 322 10.58 -10.72 2.34
CA VAL A 322 11.09 -11.53 3.43
C VAL A 322 12.60 -11.36 3.55
N VAL A 323 13.30 -11.31 2.42
CA VAL A 323 14.75 -11.11 2.44
C VAL A 323 15.08 -9.80 3.13
N SER A 324 14.33 -8.74 2.83
CA SER A 324 14.61 -7.43 3.38
C SER A 324 14.65 -7.45 4.91
N LEU A 325 13.76 -8.22 5.52
CA LEU A 325 13.67 -8.26 6.98
C LEU A 325 15.01 -8.56 7.62
N PHE A 326 15.77 -9.48 7.02
CA PHE A 326 17.05 -9.90 7.55
C PHE A 326 18.20 -9.03 7.06
N VAL A 327 17.90 -7.91 6.41
CA VAL A 327 18.92 -7.04 5.84
C VAL A 327 18.79 -5.65 6.42
N VAL A 328 17.56 -5.23 6.74
CA VAL A 328 17.34 -3.88 7.28
C VAL A 328 18.17 -3.68 8.54
N GLU A 329 18.06 -4.63 9.48
CA GLU A 329 18.85 -4.55 10.71
C GLU A 329 20.27 -5.06 10.53
N ARG A 330 20.54 -5.80 9.46
CA ARG A 330 21.86 -6.33 9.20
C ARG A 330 22.76 -5.38 8.42
N ALA A 331 22.26 -4.19 8.05
CA ALA A 331 23.04 -3.24 7.27
C ALA A 331 22.52 -1.84 7.54
N GLY A 332 23.11 -0.86 6.86
CA GLY A 332 22.71 0.53 7.00
C GLY A 332 21.43 0.84 6.25
N ARG A 333 20.93 2.06 6.45
CA ARG A 333 19.71 2.52 5.80
C ARG A 333 19.98 3.46 4.64
N ARG A 334 21.07 4.24 4.70
CA ARG A 334 21.48 5.03 3.56
C ARG A 334 21.97 4.13 2.43
N THR A 335 22.62 3.02 2.78
CA THR A 335 23.16 2.11 1.76
C THR A 335 22.03 1.35 1.07
N LEU A 336 21.15 0.72 1.85
CA LEU A 336 20.07 -0.08 1.27
C LEU A 336 19.13 0.75 0.41
N HIS A 337 19.06 2.06 0.65
CA HIS A 337 18.20 2.92 -0.16
C HIS A 337 18.93 3.36 -1.43
N LEU A 338 20.23 3.62 -1.35
CA LEU A 338 21.00 3.95 -2.53
C LEU A 338 21.14 2.75 -3.45
N ILE A 339 21.36 1.57 -2.88
CA ILE A 339 21.39 0.35 -3.68
C ILE A 339 20.06 0.15 -4.39
N GLY A 340 18.95 0.41 -3.69
CA GLY A 340 17.65 0.19 -4.28
C GLY A 340 17.41 1.07 -5.50
N LEU A 341 17.57 2.38 -5.33
CA LEU A 341 17.35 3.29 -6.46
C LEU A 341 18.26 2.93 -7.63
N ALA A 342 19.50 2.53 -7.34
CA ALA A 342 20.42 2.16 -8.41
C ALA A 342 19.95 0.89 -9.12
N GLY A 343 19.49 -0.10 -8.36
CA GLY A 343 18.98 -1.31 -8.98
C GLY A 343 17.76 -1.05 -9.85
N MET A 344 16.82 -0.24 -9.34
CA MET A 344 15.65 0.12 -10.14
C MET A 344 16.05 0.96 -11.35
N ALA A 345 17.06 1.82 -11.19
CA ALA A 345 17.51 2.63 -12.32
C ALA A 345 18.09 1.77 -13.43
N GLY A 346 18.73 0.66 -13.07
CA GLY A 346 19.28 -0.25 -14.06
C GLY A 346 18.21 -1.08 -14.74
N CYS A 347 17.26 -1.59 -13.96
CA CYS A 347 16.16 -2.36 -14.54
C CYS A 347 15.28 -1.49 -15.42
N ALA A 348 15.10 -0.22 -15.05
CA ALA A 348 14.35 0.70 -15.91
C ALA A 348 15.05 0.88 -17.25
N ILE A 349 16.39 0.94 -17.23
CA ILE A 349 17.14 0.95 -18.47
C ILE A 349 17.04 -0.40 -19.16
N LEU A 350 17.36 -1.47 -18.42
CA LEU A 350 17.26 -2.81 -18.98
C LEU A 350 15.90 -3.07 -19.59
N MET A 351 14.85 -2.45 -19.03
CA MET A 351 13.53 -2.52 -19.67
C MET A 351 13.55 -1.85 -21.03
N THR A 352 14.02 -0.60 -21.09
CA THR A 352 14.03 0.12 -22.35
C THR A 352 14.88 -0.61 -23.38
N ILE A 353 16.00 -1.19 -22.97
CA ILE A 353 16.77 -2.04 -23.86
C ILE A 353 15.93 -3.23 -24.32
N ALA A 354 15.26 -3.89 -23.36
CA ALA A 354 14.44 -5.04 -23.69
C ALA A 354 13.20 -4.64 -24.48
N LEU A 355 12.78 -3.38 -24.42
CA LEU A 355 11.62 -2.91 -25.15
C LEU A 355 11.97 -2.37 -26.53
N ALA A 356 13.20 -1.90 -26.71
CA ALA A 356 13.64 -1.34 -27.98
C ALA A 356 14.15 -2.42 -28.93
N LEU A 357 15.03 -3.29 -28.43
CA LEU A 357 15.58 -4.38 -29.25
C LEU A 357 14.61 -5.52 -29.46
N LEU A 358 13.45 -5.50 -28.78
CA LEU A 358 12.48 -6.57 -28.94
C LEU A 358 11.90 -6.60 -30.34
N GLU A 359 11.61 -5.42 -30.91
CA GLU A 359 11.02 -5.36 -32.24
C GLU A 359 11.91 -6.06 -33.27
N GLN A 360 13.22 -6.09 -33.04
CA GLN A 360 14.17 -6.77 -33.90
C GLN A 360 14.52 -8.15 -33.39
N LEU A 361 14.68 -8.31 -32.07
CA LEU A 361 15.06 -9.58 -31.46
C LEU A 361 13.84 -10.18 -30.75
N PRO A 362 13.12 -11.13 -31.36
CA PRO A 362 11.92 -11.67 -30.73
C PRO A 362 12.22 -12.56 -29.54
N TRP A 363 13.03 -12.05 -28.61
CA TRP A 363 13.30 -12.75 -27.37
C TRP A 363 13.66 -11.80 -26.25
N MET A 364 13.78 -10.50 -26.51
CA MET A 364 13.97 -9.51 -25.46
C MET A 364 12.75 -9.40 -24.57
N SER A 365 11.60 -9.92 -25.02
CA SER A 365 10.43 -10.01 -24.15
C SER A 365 10.78 -10.77 -22.88
N TYR A 366 11.69 -11.74 -22.97
CA TYR A 366 12.16 -12.42 -21.77
C TYR A 366 12.99 -11.49 -20.90
N LEU A 367 13.82 -10.65 -21.51
CA LEU A 367 14.62 -9.71 -20.74
C LEU A 367 13.76 -8.70 -20.02
N SER A 368 12.65 -8.28 -20.64
CA SER A 368 11.73 -7.36 -19.98
C SER A 368 11.21 -7.96 -18.68
N ILE A 369 10.95 -9.27 -18.68
CA ILE A 369 10.54 -9.95 -17.45
C ILE A 369 11.68 -9.90 -16.43
N VAL A 370 12.89 -10.26 -16.85
CA VAL A 370 14.04 -10.19 -15.97
C VAL A 370 14.21 -8.78 -15.42
N ALA A 371 13.94 -7.77 -16.27
CA ALA A 371 14.10 -6.39 -15.85
C ALA A 371 13.10 -6.03 -14.76
N ILE A 372 11.80 -6.15 -15.06
CA ILE A 372 10.78 -5.77 -14.10
C ILE A 372 10.91 -6.60 -12.83
N PHE A 373 11.23 -7.89 -12.96
CA PHE A 373 11.45 -8.71 -11.77
C PHE A 373 12.52 -8.11 -10.87
N GLY A 374 13.63 -7.66 -11.45
CA GLY A 374 14.63 -6.96 -10.67
C GLY A 374 14.18 -5.57 -10.26
N PHE A 375 13.33 -4.94 -11.10
CA PHE A 375 12.83 -3.60 -10.79
C PHE A 375 12.02 -3.61 -9.50
N VAL A 376 11.18 -4.62 -9.31
CA VAL A 376 10.40 -4.72 -8.07
C VAL A 376 11.22 -5.38 -6.97
N ALA A 377 12.13 -6.28 -7.33
CA ALA A 377 12.95 -6.95 -6.32
C ALA A 377 13.85 -5.96 -5.60
N PHE A 378 14.42 -5.00 -6.34
CA PHE A 378 15.26 -3.99 -5.71
C PHE A 378 14.43 -2.96 -4.95
N PHE A 379 13.20 -2.70 -5.40
CA PHE A 379 12.34 -1.77 -4.68
C PHE A 379 12.04 -2.27 -3.27
N GLU A 380 11.86 -3.58 -3.12
CA GLU A 380 11.43 -4.15 -1.85
C GLU A 380 12.52 -4.16 -0.80
N VAL A 381 13.78 -3.92 -1.19
CA VAL A 381 14.89 -3.81 -0.26
C VAL A 381 15.40 -2.39 -0.12
N GLY A 382 14.87 -1.45 -0.91
CA GLY A 382 15.33 -0.09 -0.89
C GLY A 382 14.21 0.90 -0.65
N PRO A 383 13.69 1.52 -1.73
CA PRO A 383 12.70 2.59 -1.54
C PRO A 383 11.34 2.12 -1.07
N GLY A 384 11.23 0.86 -0.64
CA GLY A 384 9.99 0.34 -0.13
C GLY A 384 9.87 0.56 1.37
N PRO A 385 10.71 -0.12 2.14
CA PRO A 385 10.62 -0.01 3.61
C PRO A 385 11.36 1.19 4.18
N ILE A 386 12.51 1.54 3.60
CA ILE A 386 13.35 2.59 4.21
C ILE A 386 12.58 3.87 4.44
N PRO A 387 11.76 4.36 3.51
CA PRO A 387 11.08 5.64 3.74
C PRO A 387 10.28 5.69 5.04
N TRP A 388 10.02 4.53 5.64
CA TRP A 388 9.36 4.48 6.94
C TRP A 388 10.31 4.25 8.10
N PHE A 389 11.52 3.75 7.82
CA PHE A 389 12.57 3.64 8.83
C PHE A 389 13.46 4.88 8.86
N ILE A 390 12.93 6.04 8.49
CA ILE A 390 13.67 7.30 8.54
C ILE A 390 12.74 8.38 9.09
N VAL A 391 11.54 8.49 8.52
CA VAL A 391 10.58 9.51 8.97
C VAL A 391 10.32 9.35 10.46
N ALA A 392 10.11 8.11 10.92
CA ALA A 392 9.91 7.87 12.34
C ALA A 392 11.18 8.10 13.13
N GLU A 393 12.35 8.03 12.49
CA GLU A 393 13.63 8.26 13.12
C GLU A 393 14.15 9.68 12.89
N LEU A 394 13.26 10.60 12.51
CA LEU A 394 13.60 12.00 12.35
C LEU A 394 12.77 12.92 13.24
N PHE A 395 11.87 12.35 14.05
CA PHE A 395 10.97 13.15 14.87
C PHE A 395 10.69 12.41 16.17
N SER A 396 10.66 13.15 17.27
CA SER A 396 10.34 12.59 18.57
C SER A 396 8.83 12.41 18.70
N GLN A 397 8.40 11.91 19.87
CA GLN A 397 6.99 11.60 20.08
C GLN A 397 6.09 12.82 19.94
N GLY A 398 6.65 14.02 19.89
CA GLY A 398 5.86 15.22 19.73
C GLY A 398 5.45 15.46 18.29
N PRO A 399 6.42 15.77 17.43
CA PRO A 399 6.11 16.08 16.03
C PRO A 399 6.00 14.88 15.10
N ARG A 400 6.20 13.66 15.61
CA ARG A 400 6.17 12.49 14.72
C ARG A 400 4.78 12.26 14.15
N PRO A 401 3.69 12.27 14.93
CA PRO A 401 2.37 12.08 14.32
C PRO A 401 2.07 13.05 13.20
N ALA A 402 2.57 14.29 13.30
CA ALA A 402 2.35 15.26 12.23
C ALA A 402 3.17 14.93 11.00
N ALA A 403 4.33 14.30 11.19
CA ALA A 403 5.18 13.93 10.05
C ALA A 403 4.56 12.78 9.27
N ILE A 404 3.94 11.82 9.96
CA ILE A 404 3.28 10.72 9.28
C ILE A 404 2.18 11.26 8.37
N ALA A 405 1.36 12.17 8.91
CA ALA A 405 0.22 12.69 8.14
C ALA A 405 0.70 13.37 6.86
N VAL A 406 1.80 14.12 6.94
CA VAL A 406 2.33 14.76 5.74
C VAL A 406 2.91 13.71 4.80
N ALA A 407 3.71 12.79 5.34
CA ALA A 407 4.24 11.69 4.54
C ALA A 407 3.10 10.89 3.91
N GLY A 408 2.02 10.67 4.65
CA GLY A 408 0.86 10.03 4.08
C GLY A 408 0.31 10.79 2.89
N PHE A 409 0.07 12.10 3.08
CA PHE A 409 -0.35 12.93 1.97
C PHE A 409 0.68 12.91 0.84
N SER A 410 1.97 12.89 1.20
CA SER A 410 3.01 12.87 0.18
C SER A 410 3.04 11.54 -0.55
N ASN A 411 2.72 10.45 0.13
CA ASN A 411 2.74 9.13 -0.49
C ASN A 411 1.54 8.94 -1.41
N TRP A 412 0.33 9.25 -0.92
CA TRP A 412 -0.86 9.08 -1.73
C TRP A 412 -0.86 10.03 -2.92
N THR A 413 -0.37 11.25 -2.73
CA THR A 413 -0.30 12.19 -3.85
C THR A 413 0.60 11.65 -4.96
N SER A 414 1.85 11.34 -4.62
CA SER A 414 2.77 10.83 -5.63
C SER A 414 2.26 9.53 -6.24
N ASN A 415 1.64 8.68 -5.42
CA ASN A 415 1.06 7.45 -5.95
C ASN A 415 -0.06 7.75 -6.93
N PHE A 416 -0.81 8.84 -6.72
CA PHE A 416 -1.86 9.22 -7.65
C PHE A 416 -1.30 9.76 -8.95
N ILE A 417 -0.16 10.46 -8.89
CA ILE A 417 0.47 10.97 -10.10
C ILE A 417 0.83 9.83 -11.04
N VAL A 418 1.46 8.79 -10.49
CA VAL A 418 1.86 7.64 -11.31
C VAL A 418 0.62 6.93 -11.84
N GLY A 419 -0.24 6.45 -10.94
CA GLY A 419 -1.37 5.65 -11.34
C GLY A 419 -2.27 6.33 -12.35
N MET A 420 -2.36 7.65 -12.29
CA MET A 420 -3.24 8.39 -13.19
C MET A 420 -2.55 8.80 -14.49
N CYS A 421 -1.29 9.23 -14.41
CA CYS A 421 -0.59 9.80 -15.55
C CYS A 421 0.29 8.81 -16.30
N PHE A 422 0.50 7.60 -15.79
CA PHE A 422 1.43 6.68 -16.44
C PHE A 422 0.92 6.26 -17.81
N GLN A 423 -0.39 6.06 -17.96
CA GLN A 423 -0.94 5.69 -19.25
C GLN A 423 -1.02 6.88 -20.20
N TYR A 424 -1.01 8.10 -19.68
CA TYR A 424 -0.92 9.28 -20.54
C TYR A 424 0.50 9.51 -21.02
N VAL A 425 1.49 9.13 -20.21
CA VAL A 425 2.89 9.21 -20.62
C VAL A 425 3.27 8.07 -21.56
N GLU A 426 2.54 6.96 -21.50
CA GLU A 426 2.92 5.78 -22.29
C GLU A 426 2.56 5.96 -23.76
N GLN A 427 1.52 6.74 -24.07
CA GLN A 427 1.15 6.98 -25.45
C GLN A 427 2.13 7.89 -26.17
N LEU A 428 2.93 8.67 -25.42
CA LEU A 428 3.86 9.63 -25.98
C LEU A 428 5.30 9.14 -25.98
N CYS A 429 5.76 8.59 -24.86
CA CYS A 429 7.15 8.18 -24.75
C CYS A 429 7.44 6.85 -25.45
N GLY A 430 6.44 5.98 -25.57
CA GLY A 430 6.63 4.70 -26.20
C GLY A 430 7.50 3.79 -25.36
N PRO A 431 8.56 3.23 -25.96
CA PRO A 431 9.50 2.42 -25.16
C PRO A 431 10.32 3.23 -24.18
N TYR A 432 10.31 4.55 -24.28
CA TYR A 432 11.10 5.42 -23.41
C TYR A 432 10.29 5.95 -22.24
N VAL A 433 9.37 5.14 -21.71
CA VAL A 433 8.65 5.55 -20.50
C VAL A 433 9.53 5.39 -19.27
N PHE A 434 10.17 4.23 -19.14
CA PHE A 434 11.02 3.96 -17.99
C PHE A 434 12.24 4.86 -17.94
N ILE A 435 12.50 5.64 -18.98
CA ILE A 435 13.51 6.68 -18.90
C ILE A 435 13.13 7.68 -17.82
N ILE A 436 11.87 8.14 -17.85
CA ILE A 436 11.39 9.06 -16.83
C ILE A 436 11.62 8.49 -15.44
N PHE A 437 11.31 7.20 -15.27
CA PHE A 437 11.63 6.55 -14.00
C PHE A 437 13.13 6.52 -13.76
N THR A 438 13.92 6.27 -14.81
CA THR A 438 15.36 6.27 -14.67
C THR A 438 15.89 7.64 -14.31
N VAL A 439 15.35 8.70 -14.93
CA VAL A 439 15.74 10.06 -14.57
C VAL A 439 15.43 10.32 -13.10
N LEU A 440 14.16 10.14 -12.73
CA LEU A 440 13.75 10.38 -11.35
C LEU A 440 14.54 9.52 -10.37
N LEU A 441 14.80 8.26 -10.72
CA LEU A 441 15.57 7.40 -9.86
C LEU A 441 16.98 7.94 -9.62
N VAL A 442 17.50 8.73 -10.58
CA VAL A 442 18.81 9.34 -10.39
C VAL A 442 18.71 10.56 -9.49
N LEU A 443 17.73 11.44 -9.75
CA LEU A 443 17.52 12.58 -8.88
C LEU A 443 17.37 12.15 -7.42
N PHE A 444 16.58 11.09 -7.20
CA PHE A 444 16.41 10.59 -5.84
C PHE A 444 17.69 9.95 -5.31
N PHE A 445 18.54 9.45 -6.21
CA PHE A 445 19.83 8.92 -5.79
C PHE A 445 20.78 10.05 -5.40
N ILE A 446 20.84 11.10 -6.21
CA ILE A 446 21.66 12.27 -5.87
C ILE A 446 21.22 12.87 -4.54
N PHE A 447 19.90 13.06 -4.38
CA PHE A 447 19.40 13.72 -3.19
C PHE A 447 19.77 12.96 -1.92
N THR A 448 19.71 11.63 -1.97
CA THR A 448 20.01 10.83 -0.79
C THR A 448 21.50 10.75 -0.51
N TYR A 449 22.34 10.89 -1.54
CA TYR A 449 23.78 10.75 -1.36
C TYR A 449 24.39 11.97 -0.68
N PHE A 450 23.69 13.09 -0.66
CA PHE A 450 24.20 14.32 -0.06
C PHE A 450 23.31 14.82 1.07
N LYS A 451 22.03 15.06 0.80
CA LYS A 451 21.16 15.79 1.71
C LYS A 451 20.42 14.89 2.70
N VAL A 452 20.64 13.58 2.67
CA VAL A 452 19.96 12.64 3.55
C VAL A 452 20.99 12.04 4.50
N PRO A 453 20.77 12.09 5.82
CA PRO A 453 21.73 11.51 6.76
C PRO A 453 21.52 10.02 6.98
N GLU A 454 22.18 9.47 8.00
CA GLU A 454 22.10 8.06 8.34
C GLU A 454 21.63 7.90 9.78
N THR A 455 20.96 6.79 10.06
CA THR A 455 20.50 6.49 11.41
C THR A 455 20.81 5.04 11.78
#